data_8TLW
#
_entry.id   8TLW
#
_cell.length_a   75.701
_cell.length_b   75.701
_cell.length_c   170.789
_cell.angle_alpha   90.00
_cell.angle_beta   90.00
_cell.angle_gamma   90.00
#
_symmetry.space_group_name_H-M   'P 41 21 2'
#
loop_
_entity.id
_entity.type
_entity.pdbx_description
1 polymer 'MBP and AF9 AHD fusion protein 3AQA'
2 polymer 'peptidomimetic inhibitor 28'
3 branched alpha-D-glucopyranose-(1-4)-alpha-D-glucopyranose
4 water water
#
loop_
_entity_poly.entity_id
_entity_poly.type
_entity_poly.pdbx_seq_one_letter_code
_entity_poly.pdbx_strand_id
1 'polypeptide(L)'
;SGGSKIEEGKLVIWINGDKGYNGLAEVGKKFEKDTGIKVTVEHPDKLEEKFPQVAATGDGPDIIFWAHDRFGGYAQSGLL
AEITPDKAFQDKLYPFTWDAVRYNGKLIAYPIAVEALSLIYNKDLLPNPPKTWEEIPALDKELKAKGKSALMFNLQEPYF
TWPLIAADGGYAFKYENGKYDIKDVGVDNAGAKAGLTFLVDLIKNKHMNADTDYSIAEAAFNKGETAMTINGPWAWSNID
TSKVNYGVTVLPTFKGQPSKPFVGVLSAGINAASPNKELAKEFLENYLLTDEGLEAVNKDKPLGAVALKSYEEELAKDPR
IAATMENAQKGEIMPNIPCMSAFWYAVRTAVINAASGRQTVDEALKDAQTAAADKCYLDELVELHRRLMTLRERHILQQI
VNLIEETGHFHITNTTFDFDLCSLDKTTVRKLQSYLETSGTS
;
A
2 'polypeptide(L)' (HBX)PV(DPP)(XYC)(I6O) B
#
# COMPACT_ATOMS: atom_id res chain seq x y z
N LYS A 5 21.91 -18.75 -5.71
CA LYS A 5 22.34 -18.15 -4.45
C LYS A 5 22.74 -16.68 -4.63
N ILE A 6 22.71 -15.91 -3.54
CA ILE A 6 23.05 -14.50 -3.57
C ILE A 6 24.55 -14.30 -3.38
N GLU A 7 25.17 -13.50 -4.25
CA GLU A 7 26.61 -13.23 -4.19
C GLU A 7 27.03 -12.45 -2.94
N GLU A 8 28.01 -12.98 -2.21
CA GLU A 8 28.57 -12.38 -1.00
C GLU A 8 29.61 -11.32 -1.40
N GLY A 9 29.65 -10.20 -0.70
CA GLY A 9 30.62 -9.14 -0.99
C GLY A 9 30.17 -8.08 -1.97
N LYS A 10 28.85 -7.99 -2.19
CA LYS A 10 28.23 -6.99 -3.04
C LYS A 10 26.75 -6.84 -2.68
N LEU A 11 26.10 -5.76 -3.13
CA LEU A 11 24.68 -5.59 -2.84
C LEU A 11 23.88 -5.53 -4.12
N VAL A 12 22.79 -6.30 -4.22
CA VAL A 12 21.89 -6.24 -5.36
C VAL A 12 20.58 -5.66 -4.80
N ILE A 13 20.07 -4.60 -5.41
CA ILE A 13 18.87 -3.92 -4.93
C ILE A 13 17.79 -3.93 -5.99
N TRP A 14 16.54 -4.24 -5.61
CA TRP A 14 15.42 -4.12 -6.54
C TRP A 14 14.51 -2.99 -6.08
N ILE A 15 14.07 -2.16 -7.02
CA ILE A 15 13.17 -1.04 -6.76
C ILE A 15 12.32 -0.87 -8.01
N ASN A 16 11.08 -0.40 -7.85
CA ASN A 16 10.17 -0.25 -8.99
C ASN A 16 10.66 0.75 -10.02
N GLY A 17 10.40 0.44 -11.29
CA GLY A 17 10.77 1.24 -12.46
C GLY A 17 10.26 2.66 -12.50
N ASP A 18 9.24 3.00 -11.67
CA ASP A 18 8.74 4.36 -11.59
C ASP A 18 9.52 5.23 -10.57
N LYS A 19 10.35 4.60 -9.71
CA LYS A 19 11.14 5.29 -8.69
C LYS A 19 12.51 5.74 -9.26
N GLY A 20 13.24 6.49 -8.45
CA GLY A 20 14.54 7.01 -8.84
C GLY A 20 15.67 6.01 -8.69
N TYR A 21 15.68 4.95 -9.51
CA TYR A 21 16.73 3.93 -9.49
C TYR A 21 18.12 4.50 -9.86
N ASN A 22 18.19 5.52 -10.75
CA ASN A 22 19.47 6.14 -11.10
C ASN A 22 20.03 6.94 -9.95
N GLY A 23 19.16 7.62 -9.20
CA GLY A 23 19.59 8.35 -8.01
C GLY A 23 20.06 7.39 -6.94
N LEU A 24 19.38 6.24 -6.80
CA LEU A 24 19.76 5.21 -5.84
C LEU A 24 21.11 4.58 -6.23
N ALA A 25 21.35 4.40 -7.53
CA ALA A 25 22.63 3.89 -8.02
C ALA A 25 23.78 4.86 -7.67
N GLU A 26 23.49 6.18 -7.57
CA GLU A 26 24.46 7.19 -7.17
C GLU A 26 24.82 7.04 -5.70
N VAL A 27 23.83 6.70 -4.83
CA VAL A 27 24.09 6.39 -3.44
C VAL A 27 24.96 5.08 -3.39
N GLY A 28 24.67 4.13 -4.27
CA GLY A 28 25.42 2.88 -4.38
C GLY A 28 26.87 3.13 -4.74
N LYS A 29 27.12 4.09 -5.64
CA LYS A 29 28.46 4.47 -6.06
C LYS A 29 29.24 5.17 -4.95
N LYS A 30 28.54 5.94 -4.10
CA LYS A 30 29.15 6.57 -2.95
C LYS A 30 29.53 5.47 -1.92
N PHE A 31 28.67 4.47 -1.74
CA PHE A 31 28.96 3.35 -0.84
C PHE A 31 30.18 2.58 -1.34
N GLU A 32 30.25 2.36 -2.66
CA GLU A 32 31.35 1.69 -3.31
C GLU A 32 32.67 2.44 -3.13
N LYS A 33 32.65 3.76 -3.30
CA LYS A 33 33.84 4.59 -3.14
C LYS A 33 34.42 4.49 -1.72
N ASP A 34 33.57 4.48 -0.69
CA ASP A 34 34.03 4.41 0.69
C ASP A 34 34.39 3.00 1.16
N THR A 35 33.59 2.00 0.77
CA THR A 35 33.76 0.65 1.29
C THR A 35 34.46 -0.34 0.37
N GLY A 36 34.44 -0.07 -0.92
CA GLY A 36 34.92 -1.01 -1.94
C GLY A 36 33.82 -1.93 -2.43
N ILE A 37 32.64 -1.96 -1.76
CA ILE A 37 31.55 -2.86 -2.13
C ILE A 37 30.71 -2.32 -3.27
N LYS A 38 30.55 -3.10 -4.34
CA LYS A 38 29.74 -2.68 -5.48
C LYS A 38 28.24 -2.88 -5.22
N VAL A 39 27.44 -1.92 -5.66
CA VAL A 39 25.99 -1.96 -5.47
C VAL A 39 25.35 -1.93 -6.84
N THR A 40 24.50 -2.92 -7.11
CA THR A 40 23.80 -2.96 -8.39
C THR A 40 22.31 -2.69 -8.19
N VAL A 41 21.78 -1.68 -8.89
CA VAL A 41 20.36 -1.38 -8.78
C VAL A 41 19.61 -1.89 -9.99
N GLU A 42 18.61 -2.73 -9.76
CA GLU A 42 17.79 -3.30 -10.82
C GLU A 42 16.33 -2.92 -10.60
N HIS A 43 15.57 -2.86 -11.70
CA HIS A 43 14.15 -2.60 -11.61
C HIS A 43 13.34 -3.60 -12.43
N PRO A 44 13.31 -4.87 -12.02
CA PRO A 44 12.55 -5.85 -12.80
C PRO A 44 11.05 -5.53 -12.85
N ASP A 45 10.37 -6.00 -13.91
CA ASP A 45 8.93 -5.78 -14.02
C ASP A 45 8.25 -6.71 -13.05
N LYS A 46 7.11 -6.27 -12.49
CA LYS A 46 6.34 -7.07 -11.53
C LYS A 46 7.17 -7.58 -10.36
N LEU A 47 8.10 -6.75 -9.86
CA LEU A 47 8.99 -7.17 -8.78
C LEU A 47 8.28 -7.55 -7.49
N GLU A 48 7.10 -6.99 -7.20
CA GLU A 48 6.33 -7.34 -5.99
C GLU A 48 5.85 -8.81 -5.99
N GLU A 49 5.73 -9.40 -7.19
CA GLU A 49 5.34 -10.78 -7.44
C GLU A 49 6.62 -11.62 -7.68
N LYS A 50 7.62 -11.06 -8.35
CA LYS A 50 8.88 -11.72 -8.63
C LYS A 50 9.63 -12.01 -7.31
N PHE A 51 9.71 -11.02 -6.40
CA PHE A 51 10.40 -11.19 -5.12
C PHE A 51 9.95 -12.41 -4.32
N PRO A 52 8.65 -12.62 -3.99
CA PRO A 52 8.29 -13.81 -3.21
C PRO A 52 8.56 -15.12 -3.96
N GLN A 53 8.64 -15.10 -5.30
CA GLN A 53 8.95 -16.29 -6.07
C GLN A 53 10.43 -16.67 -5.95
N VAL A 54 11.34 -15.72 -6.22
CA VAL A 54 12.77 -16.02 -6.18
C VAL A 54 13.32 -16.13 -4.74
N ALA A 55 12.77 -15.35 -3.79
CA ALA A 55 13.26 -15.41 -2.42
C ALA A 55 12.83 -16.67 -1.68
N ALA A 56 11.73 -17.32 -2.13
CA ALA A 56 11.27 -18.58 -1.54
C ALA A 56 12.33 -19.69 -1.74
N THR A 57 13.12 -19.61 -2.81
CA THR A 57 14.16 -20.57 -3.13
C THR A 57 15.56 -20.15 -2.65
N GLY A 58 15.67 -19.08 -1.87
CA GLY A 58 16.95 -18.59 -1.37
C GLY A 58 17.70 -17.68 -2.34
N ASP A 59 17.02 -17.18 -3.37
CA ASP A 59 17.66 -16.28 -4.35
C ASP A 59 17.04 -14.85 -4.26
N GLY A 60 17.30 -14.00 -5.25
CA GLY A 60 16.76 -12.66 -5.30
C GLY A 60 17.76 -11.58 -4.93
N PRO A 61 17.26 -10.36 -4.69
CA PRO A 61 18.17 -9.27 -4.33
C PRO A 61 18.51 -9.30 -2.83
N ASP A 62 19.55 -8.57 -2.44
CA ASP A 62 19.87 -8.41 -1.02
C ASP A 62 18.83 -7.48 -0.38
N ILE A 63 18.40 -6.44 -1.11
CA ILE A 63 17.46 -5.44 -0.61
C ILE A 63 16.31 -5.29 -1.60
N ILE A 64 15.08 -5.22 -1.08
CA ILE A 64 13.89 -5.05 -1.89
C ILE A 64 13.17 -3.78 -1.44
N PHE A 65 12.83 -2.92 -2.40
CA PHE A 65 12.08 -1.71 -2.09
C PHE A 65 10.66 -1.87 -2.59
N TRP A 66 9.71 -1.56 -1.73
CA TRP A 66 8.31 -1.54 -2.12
C TRP A 66 7.53 -0.82 -1.03
N ALA A 67 6.26 -0.44 -1.27
CA ALA A 67 5.39 0.09 -0.22
C ALA A 67 5.20 -1.03 0.83
N HIS A 68 5.09 -0.63 2.08
CA HIS A 68 5.02 -1.52 3.22
C HIS A 68 3.94 -2.57 3.18
N ASP A 69 2.86 -2.37 2.39
CA ASP A 69 1.75 -3.32 2.40
C ASP A 69 2.12 -4.75 2.05
N ARG A 70 3.08 -4.97 1.15
CA ARG A 70 3.47 -6.33 0.76
C ARG A 70 4.43 -7.02 1.73
N PHE A 71 5.04 -6.28 2.65
CA PHE A 71 6.09 -6.80 3.50
C PHE A 71 5.61 -7.77 4.59
N GLY A 72 4.40 -7.57 5.12
CA GLY A 72 3.84 -8.50 6.10
C GLY A 72 3.72 -9.91 5.55
N GLY A 73 3.31 -10.03 4.28
CA GLY A 73 3.19 -11.31 3.59
C GLY A 73 4.56 -11.95 3.38
N TYR A 74 5.56 -11.13 2.98
CA TYR A 74 6.94 -11.61 2.80
C TYR A 74 7.49 -12.08 4.14
N ALA A 75 7.24 -11.35 5.24
CA ALA A 75 7.74 -11.67 6.56
C ALA A 75 7.09 -12.96 7.06
N GLN A 76 5.76 -13.11 6.89
CA GLN A 76 5.02 -14.32 7.26
C GLN A 76 5.59 -15.54 6.51
N SER A 77 6.08 -15.35 5.29
CA SER A 77 6.69 -16.45 4.52
C SER A 77 8.19 -16.68 4.85
N GLY A 78 8.74 -15.95 5.82
CA GLY A 78 10.13 -16.07 6.22
C GLY A 78 11.12 -15.48 5.24
N LEU A 79 10.67 -14.57 4.36
CA LEU A 79 11.54 -14.01 3.33
C LEU A 79 12.32 -12.78 3.71
N LEU A 80 12.01 -12.17 4.84
CA LEU A 80 12.71 -10.97 5.26
C LEU A 80 13.50 -11.23 6.53
N ALA A 81 14.62 -10.53 6.68
CA ALA A 81 15.41 -10.59 7.90
C ALA A 81 14.89 -9.51 8.83
N GLU A 82 14.92 -9.77 10.14
CA GLU A 82 14.49 -8.77 11.11
C GLU A 82 15.55 -7.68 11.14
N ILE A 83 15.14 -6.42 11.10
CA ILE A 83 16.12 -5.33 11.17
C ILE A 83 16.30 -4.91 12.62
N THR A 84 17.52 -4.49 12.97
CA THR A 84 17.81 -4.09 14.33
C THR A 84 18.53 -2.74 14.44
N PRO A 85 17.88 -1.64 14.04
CA PRO A 85 18.49 -0.33 14.27
C PRO A 85 18.44 0.01 15.77
N ASP A 86 19.45 0.74 16.28
CA ASP A 86 19.44 1.14 17.68
C ASP A 86 18.48 2.34 17.91
N LYS A 87 18.22 2.72 19.17
CA LYS A 87 17.31 3.82 19.50
C LYS A 87 17.70 5.13 18.85
N ALA A 88 19.02 5.42 18.80
CA ALA A 88 19.54 6.62 18.19
C ALA A 88 19.13 6.73 16.71
N PHE A 89 19.22 5.61 15.96
CA PHE A 89 18.81 5.60 14.56
C PHE A 89 17.28 5.73 14.44
N GLN A 90 16.52 4.98 15.24
CA GLN A 90 15.07 5.02 15.20
C GLN A 90 14.51 6.41 15.44
N ASP A 91 15.16 7.19 16.34
CA ASP A 91 14.76 8.56 16.65
C ASP A 91 14.93 9.52 15.47
N LYS A 92 15.73 9.15 14.45
CA LYS A 92 15.96 9.96 13.27
C LYS A 92 14.74 9.96 12.32
N LEU A 93 13.86 8.94 12.41
CA LEU A 93 12.69 8.84 11.53
C LEU A 93 11.39 9.03 12.31
N TYR A 94 10.32 9.50 11.63
CA TYR A 94 9.02 9.69 12.31
C TYR A 94 8.49 8.39 12.87
N PRO A 95 8.00 8.40 14.11
CA PRO A 95 7.48 7.17 14.72
C PRO A 95 6.41 6.42 13.91
N PHE A 96 5.47 7.12 13.24
CA PHE A 96 4.44 6.41 12.48
C PHE A 96 4.99 5.60 11.28
N THR A 97 6.18 5.98 10.77
CA THR A 97 6.79 5.24 9.66
C THR A 97 7.30 3.86 10.17
N TRP A 98 7.76 3.80 11.44
CA TRP A 98 8.22 2.55 12.05
C TRP A 98 7.04 1.61 12.30
N ASP A 99 5.86 2.16 12.64
CA ASP A 99 4.66 1.37 12.86
C ASP A 99 4.25 0.65 11.56
N ALA A 100 4.45 1.32 10.39
CA ALA A 100 4.11 0.75 9.08
C ALA A 100 4.95 -0.47 8.71
N VAL A 101 6.19 -0.54 9.22
CA VAL A 101 7.10 -1.66 8.94
C VAL A 101 7.24 -2.65 10.10
N ARG A 102 6.35 -2.59 11.10
CA ARG A 102 6.36 -3.51 12.21
C ARG A 102 5.36 -4.62 11.90
N TYR A 103 5.79 -5.88 12.00
CA TYR A 103 4.94 -7.03 11.76
C TYR A 103 5.16 -7.99 12.91
N ASN A 104 4.10 -8.38 13.62
CA ASN A 104 4.18 -9.27 14.79
C ASN A 104 5.25 -8.83 15.81
N GLY A 105 5.25 -7.55 16.15
CA GLY A 105 6.18 -6.97 17.10
C GLY A 105 7.58 -6.68 16.59
N LYS A 106 7.93 -7.19 15.40
CA LYS A 106 9.28 -7.00 14.86
C LYS A 106 9.40 -6.03 13.67
N LEU A 107 10.50 -5.26 13.63
CA LEU A 107 10.73 -4.35 12.49
C LEU A 107 11.24 -5.19 11.31
N ILE A 108 10.55 -5.13 10.14
CA ILE A 108 10.94 -5.97 9.00
C ILE A 108 11.44 -5.20 7.78
N ALA A 109 11.58 -3.88 7.89
CA ALA A 109 12.04 -3.03 6.79
C ALA A 109 12.37 -1.65 7.34
N TYR A 110 13.14 -0.85 6.58
CA TYR A 110 13.44 0.52 6.92
C TYR A 110 12.46 1.39 6.15
N PRO A 111 11.70 2.26 6.81
CA PRO A 111 10.82 3.16 6.05
C PRO A 111 11.66 4.24 5.35
N ILE A 112 11.26 4.62 4.14
CA ILE A 112 12.00 5.62 3.36
C ILE A 112 11.13 6.86 3.14
N ALA A 113 9.88 6.68 2.67
CA ALA A 113 9.05 7.82 2.30
C ALA A 113 7.58 7.52 2.34
N VAL A 114 6.77 8.52 2.62
CA VAL A 114 5.33 8.41 2.70
C VAL A 114 4.75 8.86 1.36
N GLU A 115 4.01 7.98 0.68
CA GLU A 115 3.42 8.30 -0.60
C GLU A 115 1.91 8.39 -0.55
N ALA A 116 1.37 9.32 -1.30
CA ALA A 116 -0.06 9.46 -1.49
C ALA A 116 -0.29 10.09 -2.84
N LEU A 117 -1.35 9.67 -3.51
CA LEU A 117 -1.71 10.25 -4.79
C LEU A 117 -2.27 11.64 -4.57
N SER A 118 -2.13 12.51 -5.57
CA SER A 118 -2.71 13.84 -5.56
C SER A 118 -3.35 14.11 -6.93
N LEU A 119 -4.14 15.19 -7.02
CA LEU A 119 -4.67 15.62 -8.30
C LEU A 119 -3.55 16.49 -8.89
N ILE A 120 -3.14 16.20 -10.12
CA ILE A 120 -2.13 17.00 -10.81
C ILE A 120 -2.84 17.66 -11.98
N TYR A 121 -2.72 18.99 -12.11
CA TYR A 121 -3.45 19.71 -13.15
C TYR A 121 -2.55 20.70 -13.90
N ASN A 122 -2.89 20.94 -15.16
CA ASN A 122 -2.16 21.83 -16.04
C ASN A 122 -2.76 23.23 -15.89
N LYS A 123 -2.04 24.16 -15.24
CA LYS A 123 -2.52 25.52 -14.98
C LYS A 123 -2.80 26.36 -16.24
N ASP A 124 -2.16 26.04 -17.37
CA ASP A 124 -2.42 26.76 -18.63
C ASP A 124 -3.74 26.30 -19.30
N LEU A 125 -4.25 25.13 -18.94
CA LEU A 125 -5.53 24.65 -19.45
C LEU A 125 -6.63 24.86 -18.41
N LEU A 126 -6.26 24.84 -17.12
CA LEU A 126 -7.21 24.89 -16.05
C LEU A 126 -6.59 25.64 -14.87
N PRO A 127 -6.61 26.98 -14.87
CA PRO A 127 -6.03 27.72 -13.74
C PRO A 127 -6.67 27.38 -12.40
N ASN A 128 -7.95 26.99 -12.40
CA ASN A 128 -8.65 26.65 -11.18
C ASN A 128 -9.12 25.20 -11.33
N PRO A 129 -8.48 24.26 -10.62
CA PRO A 129 -8.91 22.85 -10.75
C PRO A 129 -10.22 22.58 -10.03
N PRO A 130 -11.03 21.63 -10.52
CA PRO A 130 -12.28 21.31 -9.84
C PRO A 130 -12.09 20.77 -8.42
N LYS A 131 -12.93 21.21 -7.49
CA LYS A 131 -12.90 20.71 -6.13
C LYS A 131 -13.73 19.41 -5.98
N THR A 132 -14.66 19.13 -6.92
CA THR A 132 -15.51 17.94 -6.86
C THR A 132 -15.41 17.04 -8.09
N TRP A 133 -15.67 15.74 -7.91
CA TRP A 133 -15.75 14.80 -9.02
C TRP A 133 -17.02 15.11 -9.88
N GLU A 134 -18.11 15.53 -9.22
CA GLU A 134 -19.40 15.84 -9.85
C GLU A 134 -19.29 16.88 -10.97
N GLU A 135 -18.38 17.83 -10.85
CA GLU A 135 -18.23 18.87 -11.88
C GLU A 135 -17.32 18.45 -13.06
N ILE A 136 -16.66 17.28 -12.97
CA ILE A 136 -15.75 16.81 -14.01
C ILE A 136 -16.48 16.48 -15.35
N PRO A 137 -17.67 15.82 -15.37
CA PRO A 137 -18.34 15.59 -16.66
C PRO A 137 -18.61 16.87 -17.49
N ALA A 138 -19.12 17.97 -16.88
CA ALA A 138 -19.37 19.20 -17.65
C ALA A 138 -18.06 19.85 -18.08
N LEU A 139 -17.04 19.83 -17.19
CA LEU A 139 -15.73 20.41 -17.50
C LEU A 139 -15.11 19.68 -18.70
N ASP A 140 -15.29 18.35 -18.78
CA ASP A 140 -14.76 17.58 -19.90
C ASP A 140 -15.43 17.99 -21.20
N LYS A 141 -16.74 18.25 -21.18
CA LYS A 141 -17.47 18.68 -22.36
C LYS A 141 -16.91 20.01 -22.88
N GLU A 142 -16.63 20.93 -21.97
CA GLU A 142 -16.06 22.22 -22.27
C GLU A 142 -14.65 22.10 -22.87
N LEU A 143 -13.82 21.18 -22.35
CA LEU A 143 -12.47 20.97 -22.85
C LEU A 143 -12.47 20.21 -24.20
N LYS A 144 -13.39 19.25 -24.42
CA LYS A 144 -13.51 18.50 -25.68
C LYS A 144 -13.83 19.45 -26.86
N ALA A 145 -14.55 20.56 -26.58
CA ALA A 145 -14.82 21.56 -27.61
C ALA A 145 -13.55 22.33 -28.01
N LYS A 146 -12.47 22.24 -27.22
CA LYS A 146 -11.18 22.89 -27.47
C LYS A 146 -10.04 21.89 -27.80
N GLY A 147 -10.38 20.64 -28.07
CA GLY A 147 -9.42 19.62 -28.44
C GLY A 147 -8.67 18.95 -27.30
N LYS A 148 -9.13 19.15 -26.06
CA LYS A 148 -8.51 18.55 -24.88
C LYS A 148 -9.51 17.64 -24.11
N SER A 149 -9.05 16.96 -23.06
CA SER A 149 -9.94 16.20 -22.17
C SER A 149 -9.71 16.72 -20.75
N ALA A 150 -10.66 16.47 -19.83
CA ALA A 150 -10.47 16.94 -18.46
C ALA A 150 -9.50 16.10 -17.67
N LEU A 151 -9.63 14.78 -17.70
CA LEU A 151 -8.87 13.93 -16.80
C LEU A 151 -8.55 12.58 -17.40
N MET A 152 -7.30 12.14 -17.19
CA MET A 152 -6.84 10.83 -17.58
C MET A 152 -5.94 10.28 -16.45
N PHE A 153 -6.21 9.07 -16.01
CA PHE A 153 -5.39 8.42 -14.99
C PHE A 153 -5.49 6.92 -15.16
N ASN A 154 -4.55 6.19 -14.57
CA ASN A 154 -4.49 4.74 -14.66
C ASN A 154 -5.74 4.08 -14.08
N LEU A 155 -6.52 3.43 -14.93
CA LEU A 155 -7.70 2.70 -14.51
C LEU A 155 -7.43 1.22 -14.27
N GLN A 156 -6.22 0.71 -14.58
CA GLN A 156 -5.91 -0.72 -14.46
C GLN A 156 -5.47 -1.18 -13.09
N GLU A 157 -5.01 -0.26 -12.23
CA GLU A 157 -4.53 -0.61 -10.90
C GLU A 157 -5.46 -0.01 -9.87
N PRO A 158 -5.96 -0.82 -8.93
CA PRO A 158 -6.91 -0.32 -7.91
C PRO A 158 -6.33 0.77 -7.00
N TYR A 159 -5.00 0.89 -6.91
CA TYR A 159 -4.36 1.97 -6.16
C TYR A 159 -4.88 3.37 -6.60
N PHE A 160 -5.08 3.56 -7.92
CA PHE A 160 -5.50 4.83 -8.50
C PHE A 160 -7.01 5.13 -8.44
N THR A 161 -7.86 4.09 -8.48
CA THR A 161 -9.32 4.23 -8.49
C THR A 161 -9.91 4.12 -7.08
N TRP A 162 -9.23 3.45 -6.15
CA TRP A 162 -9.68 3.33 -4.75
C TRP A 162 -9.99 4.68 -4.10
N PRO A 163 -9.20 5.76 -4.29
CA PRO A 163 -9.55 7.05 -3.64
C PRO A 163 -11.00 7.48 -3.90
N LEU A 164 -11.48 7.38 -5.14
CA LEU A 164 -12.86 7.75 -5.49
C LEU A 164 -13.86 6.75 -4.88
N ILE A 165 -13.58 5.45 -4.97
CA ILE A 165 -14.48 4.43 -4.40
C ILE A 165 -14.67 4.62 -2.89
N ALA A 166 -13.57 4.89 -2.18
CA ALA A 166 -13.65 5.06 -0.73
C ALA A 166 -14.06 6.46 -0.27
N ALA A 167 -14.24 7.44 -1.18
CA ALA A 167 -14.63 8.81 -0.76
C ALA A 167 -15.92 8.79 0.12
N ASP A 168 -17.01 8.21 -0.39
CA ASP A 168 -18.23 8.03 0.39
C ASP A 168 -18.30 6.64 1.06
N GLY A 169 -17.40 5.73 0.73
CA GLY A 169 -17.40 4.38 1.26
C GLY A 169 -16.70 4.24 2.60
N GLY A 170 -15.69 5.07 2.81
CA GLY A 170 -14.90 5.08 4.02
C GLY A 170 -13.74 4.11 3.96
N TYR A 171 -13.08 3.92 5.10
CA TYR A 171 -11.95 3.01 5.20
C TYR A 171 -12.34 1.54 5.01
N ALA A 172 -11.51 0.76 4.34
CA ALA A 172 -11.77 -0.66 4.13
C ALA A 172 -11.39 -1.52 5.35
N PHE A 173 -10.49 -1.03 6.20
CA PHE A 173 -9.97 -1.81 7.31
C PHE A 173 -10.15 -1.11 8.66
N LYS A 174 -10.07 -1.88 9.74
CA LYS A 174 -10.12 -1.34 11.08
C LYS A 174 -9.10 -2.09 11.98
N TYR A 175 -8.56 -1.43 13.00
CA TYR A 175 -7.59 -2.06 13.90
C TYR A 175 -8.31 -2.50 15.16
N GLU A 176 -8.27 -3.79 15.45
CA GLU A 176 -9.00 -4.33 16.59
C GLU A 176 -8.32 -5.58 17.13
N ASN A 177 -8.16 -5.67 18.46
CA ASN A 177 -7.55 -6.82 19.15
C ASN A 177 -6.13 -7.12 18.67
N GLY A 178 -5.36 -6.07 18.45
CA GLY A 178 -3.96 -6.17 18.04
C GLY A 178 -3.71 -6.49 16.59
N LYS A 179 -4.72 -6.35 15.71
CA LYS A 179 -4.52 -6.65 14.29
C LYS A 179 -5.46 -5.87 13.35
N TYR A 180 -5.08 -5.76 12.07
CA TYR A 180 -5.94 -5.12 11.08
C TYR A 180 -6.91 -6.15 10.55
N ASP A 181 -8.18 -5.81 10.54
CA ASP A 181 -9.20 -6.68 9.98
C ASP A 181 -9.88 -5.89 8.86
N ILE A 182 -10.27 -6.58 7.79
CA ILE A 182 -11.06 -5.94 6.74
C ILE A 182 -12.49 -5.84 7.30
N LYS A 183 -13.15 -4.69 7.14
CA LYS A 183 -14.51 -4.52 7.65
C LYS A 183 -15.47 -5.36 6.81
N ASP A 184 -16.54 -5.87 7.44
CA ASP A 184 -17.57 -6.68 6.80
C ASP A 184 -18.24 -5.96 5.62
N VAL A 185 -18.30 -4.63 5.66
CA VAL A 185 -18.84 -3.82 4.57
C VAL A 185 -17.79 -2.78 4.10
N GLY A 186 -16.50 -3.09 4.23
CA GLY A 186 -15.44 -2.17 3.83
C GLY A 186 -15.32 -1.95 2.34
N VAL A 187 -15.78 -2.92 1.54
CA VAL A 187 -15.68 -2.83 0.09
C VAL A 187 -17.08 -2.80 -0.58
N ASP A 188 -18.05 -3.50 0.01
CA ASP A 188 -19.41 -3.75 -0.48
C ASP A 188 -20.49 -2.69 -0.11
N ASN A 189 -20.15 -1.65 0.63
CA ASN A 189 -21.14 -0.69 1.12
C ASN A 189 -21.77 0.22 0.01
N ALA A 190 -22.83 0.99 0.36
CA ALA A 190 -23.50 1.89 -0.56
C ALA A 190 -22.60 3.03 -1.08
N GLY A 191 -21.70 3.55 -0.25
CA GLY A 191 -20.81 4.62 -0.65
C GLY A 191 -19.78 4.19 -1.69
N ALA A 192 -19.26 2.99 -1.52
CA ALA A 192 -18.27 2.42 -2.44
C ALA A 192 -18.94 2.12 -3.79
N LYS A 193 -20.21 1.61 -3.75
CA LYS A 193 -20.97 1.34 -4.98
C LYS A 193 -21.27 2.65 -5.71
N ALA A 194 -21.63 3.70 -4.97
CA ALA A 194 -21.86 5.02 -5.57
C ALA A 194 -20.59 5.56 -6.26
N GLY A 195 -19.44 5.41 -5.63
CA GLY A 195 -18.15 5.87 -6.18
C GLY A 195 -17.74 5.12 -7.44
N LEU A 196 -17.81 3.79 -7.41
CA LEU A 196 -17.48 2.98 -8.58
C LEU A 196 -18.51 3.21 -9.72
N THR A 197 -19.78 3.49 -9.37
CA THR A 197 -20.79 3.81 -10.38
C THR A 197 -20.46 5.14 -11.04
N PHE A 198 -19.93 6.11 -10.27
CA PHE A 198 -19.55 7.40 -10.82
C PHE A 198 -18.39 7.21 -11.82
N LEU A 199 -17.43 6.33 -11.48
CA LEU A 199 -16.31 6.03 -12.36
C LEU A 199 -16.81 5.37 -13.67
N VAL A 200 -17.69 4.36 -13.55
CA VAL A 200 -18.23 3.67 -14.72
C VAL A 200 -19.04 4.64 -15.57
N ASP A 201 -19.79 5.57 -14.95
CA ASP A 201 -20.57 6.55 -15.69
C ASP A 201 -19.67 7.50 -16.48
N LEU A 202 -18.49 7.86 -15.93
CA LEU A 202 -17.52 8.70 -16.64
C LEU A 202 -17.07 7.98 -17.93
N ILE A 203 -16.91 6.65 -17.87
CA ILE A 203 -16.54 5.81 -19.00
C ILE A 203 -17.69 5.71 -20.03
N LYS A 204 -18.92 5.44 -19.58
CA LYS A 204 -20.08 5.34 -20.48
C LYS A 204 -20.38 6.67 -21.18
N ASN A 205 -20.16 7.79 -20.50
CA ASN A 205 -20.38 9.10 -21.10
C ASN A 205 -19.19 9.60 -21.92
N LYS A 206 -18.16 8.76 -22.15
CA LYS A 206 -16.98 9.06 -22.96
C LYS A 206 -16.09 10.16 -22.41
N HIS A 207 -16.08 10.32 -21.09
CA HIS A 207 -15.19 11.25 -20.39
C HIS A 207 -13.86 10.58 -20.03
N MET A 208 -13.85 9.23 -19.93
CA MET A 208 -12.64 8.42 -19.73
C MET A 208 -12.75 7.14 -20.58
N ASN A 209 -11.62 6.48 -20.83
CA ASN A 209 -11.62 5.22 -21.57
C ASN A 209 -11.19 4.09 -20.65
N ALA A 210 -11.93 2.95 -20.64
CA ALA A 210 -11.65 1.80 -19.77
C ALA A 210 -10.25 1.19 -19.91
N ASP A 211 -9.62 1.37 -21.07
CA ASP A 211 -8.29 0.82 -21.32
C ASP A 211 -7.14 1.75 -20.95
N THR A 212 -7.44 2.98 -20.45
CA THR A 212 -6.39 3.90 -20.04
C THR A 212 -5.54 3.30 -18.92
N ASP A 213 -4.22 3.23 -19.16
CA ASP A 213 -3.28 2.70 -18.20
C ASP A 213 -2.28 3.79 -17.75
N TYR A 214 -1.17 3.41 -17.08
CA TYR A 214 -0.21 4.36 -16.56
C TYR A 214 0.50 5.16 -17.63
N SER A 215 1.08 4.47 -18.62
CA SER A 215 1.82 5.13 -19.69
CA SER A 215 1.81 5.15 -19.68
C SER A 215 0.92 6.04 -20.52
N ILE A 216 -0.29 5.56 -20.90
CA ILE A 216 -1.26 6.35 -21.69
C ILE A 216 -1.59 7.65 -20.99
N ALA A 217 -1.93 7.59 -19.68
CA ALA A 217 -2.29 8.78 -18.91
C ALA A 217 -1.10 9.71 -18.71
N GLU A 218 0.09 9.14 -18.40
CA GLU A 218 1.28 9.97 -18.23
C GLU A 218 1.63 10.69 -19.55
N ALA A 219 1.59 9.98 -20.69
CA ALA A 219 1.90 10.59 -21.97
C ALA A 219 0.89 11.70 -22.30
N ALA A 220 -0.42 11.47 -22.04
CA ALA A 220 -1.42 12.49 -22.33
C ALA A 220 -1.27 13.76 -21.51
N PHE A 221 -0.99 13.63 -20.20
CA PHE A 221 -0.80 14.81 -19.36
C PHE A 221 0.49 15.55 -19.74
N ASN A 222 1.58 14.81 -19.93
CA ASN A 222 2.88 15.42 -20.20
C ASN A 222 2.93 16.07 -21.61
N LYS A 223 2.05 15.64 -22.55
CA LYS A 223 1.92 16.26 -23.88
C LYS A 223 0.84 17.38 -23.96
N GLY A 224 0.27 17.74 -22.82
CA GLY A 224 -0.75 18.78 -22.74
C GLY A 224 -2.11 18.44 -23.32
N GLU A 225 -2.41 17.13 -23.53
CA GLU A 225 -3.67 16.68 -24.13
C GLU A 225 -4.84 16.60 -23.13
N THR A 226 -4.52 16.45 -21.83
CA THR A 226 -5.52 16.34 -20.77
C THR A 226 -5.17 17.33 -19.69
N ALA A 227 -6.18 17.98 -19.13
CA ALA A 227 -5.96 19.01 -18.11
C ALA A 227 -5.56 18.43 -16.77
N MET A 228 -5.88 17.17 -16.49
CA MET A 228 -5.65 16.60 -15.16
C MET A 228 -5.24 15.15 -15.22
N THR A 229 -4.52 14.73 -14.19
CA THR A 229 -4.15 13.34 -13.99
C THR A 229 -4.11 13.07 -12.48
N ILE A 230 -4.01 11.79 -12.10
CA ILE A 230 -3.88 11.37 -10.71
C ILE A 230 -2.60 10.53 -10.62
N ASN A 231 -1.65 10.98 -9.83
CA ASN A 231 -0.36 10.29 -9.71
C ASN A 231 0.36 10.68 -8.42
N GLY A 232 1.42 9.95 -8.10
CA GLY A 232 2.21 10.19 -6.90
C GLY A 232 3.43 11.05 -7.16
N PRO A 233 4.24 11.24 -6.10
CA PRO A 233 5.40 12.15 -6.19
C PRO A 233 6.47 11.78 -7.21
N TRP A 234 6.66 10.49 -7.48
CA TRP A 234 7.62 10.00 -8.44
C TRP A 234 7.38 10.59 -9.86
N ALA A 235 6.11 10.93 -10.17
CA ALA A 235 5.74 11.42 -11.49
C ALA A 235 6.15 12.85 -11.79
N TRP A 236 6.48 13.64 -10.76
CA TRP A 236 6.77 15.06 -10.93
C TRP A 236 7.98 15.35 -11.84
N SER A 237 9.00 14.46 -11.88
CA SER A 237 10.20 14.62 -12.71
C SER A 237 9.88 14.67 -14.19
N ASN A 238 9.10 13.71 -14.70
CA ASN A 238 8.72 13.70 -16.10
C ASN A 238 7.86 14.92 -16.49
N ILE A 239 7.09 15.46 -15.54
CA ILE A 239 6.29 16.66 -15.80
C ILE A 239 7.22 17.88 -15.88
N ASP A 240 8.22 17.98 -14.99
CA ASP A 240 9.23 19.05 -15.02
C ASP A 240 9.95 19.08 -16.36
N THR A 241 10.36 17.91 -16.86
CA THR A 241 11.06 17.73 -18.13
C THR A 241 10.18 18.15 -19.32
N SER A 242 8.87 17.87 -19.21
CA SER A 242 7.94 18.23 -20.28
CA SER A 242 7.93 18.24 -20.27
C SER A 242 7.58 19.73 -20.28
N LYS A 243 7.97 20.47 -19.23
CA LYS A 243 7.75 21.90 -19.06
C LYS A 243 6.27 22.30 -18.94
N VAL A 244 5.41 21.36 -18.47
CA VAL A 244 4.01 21.70 -18.22
C VAL A 244 3.98 22.58 -16.98
N ASN A 245 3.24 23.70 -17.01
CA ASN A 245 3.09 24.55 -15.83
C ASN A 245 2.02 23.83 -15.02
N TYR A 246 2.42 22.99 -14.05
CA TYR A 246 1.47 22.19 -13.30
C TYR A 246 1.33 22.57 -11.85
N GLY A 247 0.22 22.15 -11.26
CA GLY A 247 -0.06 22.27 -9.84
C GLY A 247 -0.36 20.89 -9.26
N VAL A 248 -0.06 20.69 -7.98
CA VAL A 248 -0.31 19.44 -7.28
C VAL A 248 -1.24 19.82 -6.13
N THR A 249 -2.46 19.21 -6.06
CA THR A 249 -3.44 19.64 -5.07
C THR A 249 -4.30 18.47 -4.51
N VAL A 250 -5.25 18.80 -3.61
CA VAL A 250 -6.18 17.88 -3.04
C VAL A 250 -7.00 17.19 -4.14
N LEU A 251 -7.26 15.91 -3.97
CA LEU A 251 -8.07 15.14 -4.88
C LEU A 251 -9.52 15.67 -4.82
N PRO A 252 -10.31 15.49 -5.90
CA PRO A 252 -11.71 15.95 -5.86
C PRO A 252 -12.55 15.21 -4.82
N THR A 253 -13.57 15.89 -4.28
CA THR A 253 -14.47 15.24 -3.30
C THR A 253 -15.59 14.56 -4.06
N PHE A 254 -16.22 13.55 -3.45
CA PHE A 254 -17.37 12.88 -4.04
C PHE A 254 -18.45 12.84 -2.97
N LYS A 255 -19.64 13.40 -3.28
CA LYS A 255 -20.73 13.55 -2.30
C LYS A 255 -20.25 14.38 -1.09
N GLY A 256 -19.39 15.37 -1.33
CA GLY A 256 -18.83 16.24 -0.31
C GLY A 256 -17.73 15.60 0.52
N GLN A 257 -17.45 14.30 0.28
CA GLN A 257 -16.48 13.54 1.04
C GLN A 257 -15.13 13.56 0.37
N PRO A 258 -14.06 13.72 1.15
CA PRO A 258 -12.72 13.69 0.57
C PRO A 258 -12.41 12.33 -0.03
N SER A 259 -11.68 12.31 -1.15
CA SER A 259 -11.20 11.06 -1.72
C SER A 259 -10.15 10.50 -0.73
N LYS A 260 -10.11 9.18 -0.56
CA LYS A 260 -9.26 8.57 0.45
C LYS A 260 -8.26 7.62 -0.15
N PRO A 261 -7.10 8.14 -0.53
CA PRO A 261 -6.09 7.26 -1.12
C PRO A 261 -5.48 6.31 -0.09
N PHE A 262 -5.03 5.15 -0.55
CA PHE A 262 -4.29 4.24 0.31
C PHE A 262 -2.88 4.83 0.40
N VAL A 263 -2.38 5.01 1.61
CA VAL A 263 -1.09 5.63 1.87
C VAL A 263 -0.03 4.57 2.05
N GLY A 264 0.97 4.59 1.17
CA GLY A 264 2.04 3.61 1.25
C GLY A 264 3.32 4.19 1.77
N VAL A 265 4.05 3.41 2.54
CA VAL A 265 5.33 3.84 3.06
C VAL A 265 6.37 3.07 2.26
N LEU A 266 7.06 3.74 1.30
CA LEU A 266 8.14 3.13 0.49
C LEU A 266 9.19 2.65 1.48
N SER A 267 9.45 1.35 1.50
CA SER A 267 10.28 0.73 2.51
C SER A 267 11.32 -0.17 1.88
N ALA A 268 12.41 -0.43 2.63
CA ALA A 268 13.50 -1.28 2.18
C ALA A 268 13.70 -2.47 3.11
N GLY A 269 13.43 -3.66 2.60
CA GLY A 269 13.59 -4.88 3.38
C GLY A 269 14.84 -5.64 2.96
N ILE A 270 15.40 -6.42 3.87
CA ILE A 270 16.60 -7.21 3.59
C ILE A 270 16.19 -8.66 3.47
N ASN A 271 16.53 -9.28 2.36
CA ASN A 271 16.20 -10.67 2.07
C ASN A 271 16.80 -11.58 3.16
N ALA A 272 15.99 -12.50 3.70
CA ALA A 272 16.42 -13.43 4.74
C ALA A 272 17.52 -14.37 4.27
N ALA A 273 17.65 -14.58 2.96
CA ALA A 273 18.70 -15.44 2.41
C ALA A 273 19.99 -14.69 2.09
N SER A 274 20.05 -13.37 2.35
CA SER A 274 21.22 -12.58 2.00
C SER A 274 22.43 -12.90 2.88
N PRO A 275 23.59 -13.15 2.26
CA PRO A 275 24.82 -13.29 3.07
C PRO A 275 25.44 -11.92 3.39
N ASN A 276 24.74 -10.79 3.07
CA ASN A 276 25.27 -9.45 3.23
C ASN A 276 24.37 -8.58 4.11
N LYS A 277 23.76 -9.17 5.15
CA LYS A 277 22.85 -8.42 6.01
C LYS A 277 23.49 -7.22 6.67
N GLU A 278 24.75 -7.36 7.11
CA GLU A 278 25.44 -6.25 7.75
C GLU A 278 25.76 -5.13 6.77
N LEU A 279 26.22 -5.45 5.55
CA LEU A 279 26.48 -4.43 4.53
C LEU A 279 25.17 -3.70 4.16
N ALA A 280 24.06 -4.46 4.08
CA ALA A 280 22.75 -3.90 3.73
C ALA A 280 22.30 -2.90 4.75
N LYS A 281 22.47 -3.23 6.05
CA LYS A 281 22.14 -2.35 7.15
C LYS A 281 22.98 -1.07 7.10
N GLU A 282 24.29 -1.21 6.85
CA GLU A 282 25.18 -0.05 6.79
C GLU A 282 24.79 0.85 5.64
N PHE A 283 24.50 0.27 4.48
CA PHE A 283 24.09 1.03 3.30
C PHE A 283 22.79 1.79 3.58
N LEU A 284 21.77 1.10 4.11
CA LEU A 284 20.48 1.73 4.37
C LEU A 284 20.52 2.80 5.47
N GLU A 285 21.17 2.51 6.59
CA GLU A 285 21.23 3.44 7.71
C GLU A 285 22.21 4.57 7.54
N ASN A 286 23.42 4.28 7.04
CA ASN A 286 24.48 5.29 7.00
C ASN A 286 24.67 5.97 5.66
N TYR A 287 24.07 5.46 4.60
CA TYR A 287 24.21 6.05 3.27
C TYR A 287 22.88 6.55 2.73
N LEU A 288 21.87 5.68 2.64
CA LEU A 288 20.59 6.10 2.09
C LEU A 288 19.80 6.99 3.03
N LEU A 289 19.60 6.57 4.29
CA LEU A 289 18.80 7.35 5.22
C LEU A 289 19.59 8.50 5.85
N THR A 290 20.12 9.36 5.00
CA THR A 290 20.82 10.61 5.35
C THR A 290 20.29 11.69 4.39
N ASP A 291 20.52 12.99 4.70
CA ASP A 291 20.09 14.08 3.82
C ASP A 291 20.66 13.95 2.43
N GLU A 292 21.94 13.59 2.34
CA GLU A 292 22.60 13.45 1.06
C GLU A 292 22.13 12.22 0.29
N GLY A 293 21.80 11.15 1.00
CA GLY A 293 21.33 9.92 0.38
C GLY A 293 19.94 10.11 -0.22
N LEU A 294 19.03 10.67 0.57
CA LEU A 294 17.66 10.92 0.09
C LEU A 294 17.60 12.02 -0.98
N GLU A 295 18.48 13.03 -0.93
CA GLU A 295 18.53 14.06 -1.97
C GLU A 295 18.91 13.45 -3.32
N ALA A 296 19.90 12.52 -3.34
CA ALA A 296 20.31 11.90 -4.61
C ALA A 296 19.15 11.13 -5.26
N VAL A 297 18.37 10.42 -4.45
CA VAL A 297 17.21 9.67 -4.97
C VAL A 297 16.11 10.65 -5.38
N ASN A 298 15.80 11.61 -4.50
CA ASN A 298 14.78 12.65 -4.68
C ASN A 298 14.97 13.52 -5.94
N LYS A 299 16.23 13.86 -6.27
CA LYS A 299 16.52 14.65 -7.47
C LYS A 299 16.26 13.86 -8.76
N ASP A 300 16.33 12.53 -8.70
CA ASP A 300 16.04 11.70 -9.86
C ASP A 300 14.49 11.62 -9.93
N LYS A 301 13.84 11.09 -8.88
CA LYS A 301 12.39 11.01 -8.85
C LYS A 301 11.92 11.28 -7.46
N PRO A 302 11.10 12.33 -7.25
CA PRO A 302 10.68 12.67 -5.89
C PRO A 302 10.06 11.51 -5.11
N LEU A 303 10.50 11.40 -3.86
CA LEU A 303 10.08 10.37 -2.93
C LEU A 303 8.75 10.69 -2.25
N GLY A 304 8.41 11.96 -2.13
CA GLY A 304 7.24 12.39 -1.38
C GLY A 304 7.69 12.97 -0.07
N ALA A 305 6.95 12.68 1.01
CA ALA A 305 7.28 13.16 2.36
C ALA A 305 8.20 12.10 2.98
N VAL A 306 9.49 12.34 3.03
CA VAL A 306 10.45 11.33 3.51
C VAL A 306 10.30 11.03 5.00
N ALA A 307 10.71 9.83 5.40
CA ALA A 307 10.62 9.37 6.79
C ALA A 307 11.68 10.03 7.67
N LEU A 308 12.80 10.47 7.09
CA LEU A 308 13.90 11.10 7.83
C LEU A 308 13.52 12.53 8.19
N LYS A 309 13.41 12.82 9.50
CA LYS A 309 13.03 14.15 9.99
C LYS A 309 13.89 15.29 9.45
N SER A 310 15.22 15.16 9.51
CA SER A 310 16.11 16.21 9.05
C SER A 310 15.92 16.60 7.61
N TYR A 311 15.69 15.62 6.72
CA TYR A 311 15.50 15.93 5.31
C TYR A 311 14.06 16.38 5.03
N GLU A 312 13.07 15.86 5.77
CA GLU A 312 11.67 16.26 5.58
C GLU A 312 11.48 17.75 5.88
N GLU A 313 12.21 18.27 6.88
CA GLU A 313 12.18 19.70 7.23
C GLU A 313 12.74 20.56 6.09
N GLU A 314 13.70 20.04 5.31
CA GLU A 314 14.26 20.77 4.19
C GLU A 314 13.32 20.78 2.98
N LEU A 315 12.48 19.75 2.81
CA LEU A 315 11.53 19.68 1.69
C LEU A 315 10.11 20.16 2.05
N ALA A 316 9.85 20.48 3.32
CA ALA A 316 8.52 20.88 3.80
C ALA A 316 7.92 22.09 3.09
N LYS A 317 8.75 23.06 2.65
CA LYS A 317 8.27 24.25 1.95
C LYS A 317 7.86 24.01 0.50
N ASP A 318 7.98 22.78 0.01
CA ASP A 318 7.56 22.46 -1.35
C ASP A 318 6.03 22.34 -1.35
N PRO A 319 5.31 23.21 -2.09
CA PRO A 319 3.83 23.09 -2.11
C PRO A 319 3.34 21.72 -2.61
N ARG A 320 4.11 21.03 -3.47
CA ARG A 320 3.72 19.70 -3.96
C ARG A 320 3.74 18.67 -2.83
N ILE A 321 4.64 18.81 -1.86
CA ILE A 321 4.76 17.92 -0.70
C ILE A 321 3.63 18.22 0.28
N ALA A 322 3.26 19.48 0.46
CA ALA A 322 2.13 19.83 1.34
C ALA A 322 0.81 19.23 0.77
N ALA A 323 0.68 19.16 -0.56
CA ALA A 323 -0.49 18.55 -1.19
C ALA A 323 -0.48 17.03 -0.94
N THR A 324 0.70 16.39 -1.02
CA THR A 324 0.89 14.96 -0.75
C THR A 324 0.47 14.63 0.69
N MET A 325 0.90 15.46 1.64
CA MET A 325 0.57 15.29 3.05
C MET A 325 -0.91 15.47 3.30
N GLU A 326 -1.52 16.45 2.67
CA GLU A 326 -2.95 16.71 2.81
C GLU A 326 -3.78 15.49 2.33
N ASN A 327 -3.43 14.93 1.14
CA ASN A 327 -4.12 13.75 0.61
C ASN A 327 -3.84 12.50 1.46
N ALA A 328 -2.61 12.40 2.01
CA ALA A 328 -2.28 11.26 2.86
C ALA A 328 -3.08 11.30 4.15
N GLN A 329 -3.28 12.52 4.71
CA GLN A 329 -4.06 12.65 5.93
C GLN A 329 -5.54 12.34 5.73
N LYS A 330 -6.06 12.57 4.51
CA LYS A 330 -7.45 12.21 4.20
C LYS A 330 -7.61 10.71 3.83
N GLY A 331 -6.52 10.03 3.57
CA GLY A 331 -6.54 8.65 3.16
C GLY A 331 -6.41 7.66 4.28
N GLU A 332 -6.02 6.44 3.92
CA GLU A 332 -5.93 5.34 4.85
C GLU A 332 -4.55 4.73 4.74
N ILE A 333 -3.86 4.53 5.88
CA ILE A 333 -2.57 3.86 5.87
C ILE A 333 -2.85 2.38 5.51
N MET A 334 -2.09 1.84 4.56
CA MET A 334 -2.32 0.47 4.16
C MET A 334 -1.96 -0.48 5.30
N PRO A 335 -2.78 -1.50 5.60
CA PRO A 335 -2.32 -2.56 6.52
C PRO A 335 -1.16 -3.31 5.85
N ASN A 336 -0.39 -4.08 6.63
CA ASN A 336 0.68 -4.89 6.02
C ASN A 336 0.40 -6.40 6.12
N ILE A 337 -0.81 -6.80 6.56
CA ILE A 337 -1.17 -8.21 6.73
C ILE A 337 -1.04 -9.00 5.44
N PRO A 338 -0.72 -10.31 5.55
CA PRO A 338 -0.52 -11.14 4.35
C PRO A 338 -1.66 -11.19 3.32
N CYS A 339 -2.92 -10.97 3.74
CA CYS A 339 -4.03 -11.02 2.78
C CYS A 339 -4.11 -9.76 1.92
N MET A 340 -3.19 -8.78 2.08
CA MET A 340 -3.22 -7.57 1.25
C MET A 340 -3.12 -7.90 -0.25
N SER A 341 -2.36 -8.95 -0.64
CA SER A 341 -2.29 -9.32 -2.06
C SER A 341 -3.64 -9.82 -2.60
N ALA A 342 -4.41 -10.54 -1.76
CA ALA A 342 -5.75 -11.00 -2.15
C ALA A 342 -6.72 -9.84 -2.21
N PHE A 343 -6.58 -8.86 -1.30
CA PHE A 343 -7.45 -7.67 -1.31
C PHE A 343 -7.21 -6.90 -2.61
N TRP A 344 -5.94 -6.69 -2.97
CA TRP A 344 -5.62 -5.96 -4.20
C TRP A 344 -6.15 -6.68 -5.43
N TYR A 345 -6.01 -8.02 -5.53
CA TYR A 345 -6.51 -8.79 -6.67
C TYR A 345 -8.03 -8.64 -6.75
N ALA A 346 -8.72 -8.77 -5.63
CA ALA A 346 -10.17 -8.63 -5.58
C ALA A 346 -10.65 -7.26 -6.09
N VAL A 347 -10.07 -6.14 -5.59
CA VAL A 347 -10.45 -4.78 -6.00
C VAL A 347 -10.07 -4.53 -7.45
N ARG A 348 -8.89 -5.04 -7.88
CA ARG A 348 -8.47 -4.91 -9.28
CA ARG A 348 -8.44 -4.93 -9.28
C ARG A 348 -9.51 -5.54 -10.21
N THR A 349 -9.95 -6.75 -9.89
CA THR A 349 -10.95 -7.47 -10.68
C THR A 349 -12.28 -6.76 -10.67
N ALA A 350 -12.69 -6.25 -9.52
CA ALA A 350 -13.95 -5.52 -9.42
C ALA A 350 -13.99 -4.26 -10.32
N VAL A 351 -12.93 -3.42 -10.29
CA VAL A 351 -12.89 -2.20 -11.09
C VAL A 351 -12.87 -2.54 -12.59
N ILE A 352 -11.99 -3.48 -13.01
CA ILE A 352 -11.93 -3.94 -14.40
C ILE A 352 -13.29 -4.48 -14.87
N ASN A 353 -13.89 -5.38 -14.09
CA ASN A 353 -15.19 -5.95 -14.44
C ASN A 353 -16.29 -4.93 -14.54
N ALA A 354 -16.33 -3.93 -13.62
CA ALA A 354 -17.37 -2.91 -13.68
C ALA A 354 -17.18 -1.99 -14.88
N ALA A 355 -15.94 -1.58 -15.16
CA ALA A 355 -15.64 -0.69 -16.27
C ALA A 355 -15.91 -1.32 -17.63
N SER A 356 -15.79 -2.65 -17.73
CA SER A 356 -16.00 -3.36 -19.00
C SER A 356 -17.43 -3.86 -19.23
N GLY A 357 -18.28 -3.81 -18.21
CA GLY A 357 -19.64 -4.30 -18.33
C GLY A 357 -19.81 -5.77 -18.01
N ARG A 358 -18.70 -6.47 -17.69
CA ARG A 358 -18.68 -7.88 -17.31
C ARG A 358 -19.59 -8.10 -16.10
N GLN A 359 -19.54 -7.18 -15.14
CA GLN A 359 -20.40 -7.26 -13.97
C GLN A 359 -21.03 -5.91 -13.71
N THR A 360 -22.15 -5.90 -12.98
CA THR A 360 -22.72 -4.64 -12.52
C THR A 360 -21.80 -4.17 -11.37
N VAL A 361 -21.85 -2.88 -11.03
CA VAL A 361 -21.04 -2.36 -9.92
C VAL A 361 -21.37 -3.10 -8.61
N ASP A 362 -22.67 -3.27 -8.32
CA ASP A 362 -23.12 -3.97 -7.12
C ASP A 362 -22.53 -5.40 -7.01
N GLU A 363 -22.56 -6.17 -8.08
CA GLU A 363 -22.05 -7.54 -8.06
C GLU A 363 -20.52 -7.56 -8.01
N ALA A 364 -19.88 -6.64 -8.71
CA ALA A 364 -18.42 -6.53 -8.71
C ALA A 364 -17.90 -6.28 -7.28
N LEU A 365 -18.50 -5.33 -6.55
CA LEU A 365 -18.05 -5.02 -5.20
C LEU A 365 -18.46 -6.07 -4.18
N LYS A 366 -19.62 -6.72 -4.39
CA LYS A 366 -20.08 -7.81 -3.51
C LYS A 366 -19.07 -8.97 -3.60
N ASP A 367 -18.63 -9.31 -4.82
CA ASP A 367 -17.68 -10.39 -5.02
C ASP A 367 -16.28 -10.04 -4.53
N ALA A 368 -15.86 -8.76 -4.66
CA ALA A 368 -14.57 -8.31 -4.17
C ALA A 368 -14.53 -8.43 -2.66
N GLN A 369 -15.63 -8.02 -1.99
CA GLN A 369 -15.77 -8.09 -0.54
C GLN A 369 -15.66 -9.54 -0.03
N THR A 370 -16.39 -10.48 -0.63
CA THR A 370 -16.34 -11.86 -0.14
C THR A 370 -14.97 -12.48 -0.39
N ALA A 371 -14.37 -12.26 -1.57
CA ALA A 371 -13.04 -12.80 -1.85
C ALA A 371 -11.98 -12.24 -0.88
N ALA A 372 -11.93 -10.91 -0.67
CA ALA A 372 -10.94 -10.33 0.23
C ALA A 372 -11.22 -10.73 1.70
N ALA A 373 -12.47 -10.63 2.15
CA ALA A 373 -12.82 -10.96 3.52
C ALA A 373 -12.66 -12.43 3.84
N ASP A 374 -12.95 -13.35 2.89
CA ASP A 374 -12.78 -14.79 3.17
C ASP A 374 -11.30 -15.09 3.37
N LYS A 375 -10.43 -14.56 2.50
CA LYS A 375 -8.98 -14.78 2.61
C LYS A 375 -8.43 -14.15 3.92
N CYS A 376 -8.76 -12.89 4.20
CA CYS A 376 -8.30 -12.23 5.41
C CYS A 376 -8.79 -12.98 6.69
N TYR A 377 -10.06 -13.40 6.71
CA TYR A 377 -10.62 -14.10 7.88
C TYR A 377 -10.00 -15.48 8.06
N LEU A 378 -9.75 -16.22 6.97
CA LEU A 378 -9.12 -17.53 7.05
C LEU A 378 -7.70 -17.40 7.65
N ASP A 379 -6.93 -16.37 7.23
CA ASP A 379 -5.59 -16.10 7.78
C ASP A 379 -5.68 -15.84 9.30
N GLU A 380 -6.68 -15.08 9.72
CA GLU A 380 -6.90 -14.77 11.12
C GLU A 380 -7.22 -16.04 11.92
N LEU A 381 -8.02 -16.94 11.34
CA LEU A 381 -8.38 -18.21 12.00
C LEU A 381 -7.19 -19.14 12.06
N VAL A 382 -6.33 -19.14 11.03
CA VAL A 382 -5.12 -19.97 11.03
C VAL A 382 -4.20 -19.55 12.17
N GLU A 383 -4.05 -18.24 12.36
CA GLU A 383 -3.23 -17.68 13.44
C GLU A 383 -3.86 -17.93 14.81
N LEU A 384 -5.19 -17.76 14.93
CA LEU A 384 -5.89 -17.99 16.21
C LEU A 384 -5.79 -19.49 16.57
N HIS A 385 -5.92 -20.38 15.59
CA HIS A 385 -5.77 -21.82 15.83
C HIS A 385 -4.37 -22.14 16.36
N ARG A 386 -3.33 -21.56 15.74
CA ARG A 386 -1.94 -21.77 16.14
C ARG A 386 -1.75 -21.30 17.59
N ARG A 387 -2.28 -20.12 17.91
CA ARG A 387 -2.20 -19.53 19.23
C ARG A 387 -2.92 -20.40 20.31
N LEU A 388 -4.14 -20.87 20.01
CA LEU A 388 -4.91 -21.70 20.94
C LEU A 388 -4.22 -23.05 21.19
N MET A 389 -3.65 -23.64 20.14
CA MET A 389 -3.03 -24.96 20.26
C MET A 389 -1.70 -24.97 21.06
N THR A 390 -1.16 -23.82 21.44
CA THR A 390 0.05 -23.79 22.28
C THR A 390 -0.26 -23.56 23.76
N LEU A 391 -1.48 -23.10 24.08
CA LEU A 391 -1.90 -22.85 25.46
C LEU A 391 -1.90 -24.13 26.27
N ARG A 392 -1.44 -24.03 27.50
CA ARG A 392 -1.42 -25.17 28.41
C ARG A 392 -2.02 -24.82 29.77
N GLU A 393 -1.97 -23.56 30.17
CA GLU A 393 -2.43 -23.14 31.47
C GLU A 393 -3.94 -23.32 31.63
N ARG A 394 -4.30 -24.10 32.67
CA ARG A 394 -5.65 -24.50 33.09
C ARG A 394 -6.70 -23.36 33.09
N HIS A 395 -6.44 -22.24 33.78
CA HIS A 395 -7.38 -21.12 33.87
C HIS A 395 -7.74 -20.55 32.51
N ILE A 396 -6.73 -20.37 31.64
CA ILE A 396 -6.96 -19.81 30.30
C ILE A 396 -7.73 -20.82 29.46
N LEU A 397 -7.33 -22.10 29.49
CA LEU A 397 -8.01 -23.15 28.74
C LEU A 397 -9.47 -23.27 29.14
N GLN A 398 -9.75 -23.23 30.46
CA GLN A 398 -11.10 -23.30 31.00
C GLN A 398 -11.96 -22.14 30.51
N GLN A 399 -11.40 -20.90 30.46
CA GLN A 399 -12.17 -19.76 29.99
C GLN A 399 -12.51 -19.85 28.50
N ILE A 400 -11.58 -20.32 27.65
CA ILE A 400 -11.87 -20.51 26.22
C ILE A 400 -12.97 -21.57 26.06
N VAL A 401 -12.84 -22.69 26.79
CA VAL A 401 -13.84 -23.77 26.74
C VAL A 401 -15.21 -23.26 27.20
N ASN A 402 -15.25 -22.41 28.23
CA ASN A 402 -16.48 -21.82 28.73
C ASN A 402 -17.16 -20.97 27.65
N LEU A 403 -16.38 -20.16 26.91
CA LEU A 403 -16.89 -19.31 25.84
C LEU A 403 -17.45 -20.16 24.71
N ILE A 404 -16.80 -21.30 24.39
CA ILE A 404 -17.30 -22.18 23.34
C ILE A 404 -18.58 -22.90 23.78
N GLU A 405 -18.63 -23.33 25.05
CA GLU A 405 -19.79 -24.05 25.62
C GLU A 405 -21.07 -23.24 25.53
N GLU A 406 -20.96 -21.92 25.74
CA GLU A 406 -22.08 -21.00 25.62
C GLU A 406 -22.76 -21.08 24.26
N THR A 407 -21.99 -21.38 23.20
CA THR A 407 -22.52 -21.50 21.84
C THR A 407 -23.08 -22.86 21.52
N GLY A 408 -22.56 -23.89 22.16
CA GLY A 408 -22.96 -25.26 21.86
C GLY A 408 -22.27 -25.83 20.62
N HIS A 409 -21.38 -25.04 19.96
CA HIS A 409 -20.67 -25.50 18.77
C HIS A 409 -19.39 -26.25 19.12
N PHE A 410 -19.56 -27.46 19.64
CA PHE A 410 -18.43 -28.29 20.01
C PHE A 410 -18.84 -29.74 20.02
N HIS A 411 -17.87 -30.62 20.01
CA HIS A 411 -18.07 -32.04 20.14
C HIS A 411 -16.99 -32.59 21.07
N ILE A 412 -17.30 -33.70 21.73
CA ILE A 412 -16.39 -34.28 22.69
C ILE A 412 -16.04 -35.70 22.29
N THR A 413 -14.76 -36.06 22.44
CA THR A 413 -14.30 -37.41 22.15
C THR A 413 -13.88 -38.07 23.49
N ASN A 414 -13.35 -39.29 23.46
CA ASN A 414 -12.87 -39.95 24.66
C ASN A 414 -11.75 -39.15 25.33
N THR A 415 -10.95 -38.38 24.53
CA THR A 415 -9.82 -37.64 25.10
C THR A 415 -9.82 -36.11 24.91
N THR A 416 -10.67 -35.52 24.04
CA THR A 416 -10.59 -34.08 23.79
C THR A 416 -11.95 -33.34 23.66
N PHE A 417 -11.92 -32.01 23.88
CA PHE A 417 -13.01 -31.08 23.67
C PHE A 417 -12.65 -30.44 22.32
N ASP A 418 -13.44 -30.70 21.28
CA ASP A 418 -13.14 -30.23 19.94
C ASP A 418 -14.11 -29.17 19.49
N PHE A 419 -13.62 -28.26 18.65
CA PHE A 419 -14.41 -27.21 18.03
C PHE A 419 -13.71 -26.70 16.78
N ASP A 420 -14.49 -26.30 15.77
CA ASP A 420 -13.92 -25.75 14.54
C ASP A 420 -14.15 -24.26 14.52
N LEU A 421 -13.07 -23.49 14.38
CA LEU A 421 -13.19 -22.02 14.33
C LEU A 421 -14.13 -21.52 13.22
N CYS A 422 -14.24 -22.26 12.10
CA CYS A 422 -15.13 -21.92 10.97
C CYS A 422 -16.63 -22.05 11.32
N SER A 423 -16.98 -22.86 12.32
CA SER A 423 -18.39 -23.04 12.71
C SER A 423 -18.87 -21.96 13.72
N LEU A 424 -17.94 -21.17 14.27
CA LEU A 424 -18.31 -20.12 15.20
C LEU A 424 -18.74 -18.86 14.49
N ASP A 425 -19.62 -18.09 15.15
CA ASP A 425 -20.01 -16.78 14.67
C ASP A 425 -18.77 -15.86 14.85
N LYS A 426 -18.65 -14.83 14.00
CA LYS A 426 -17.56 -13.88 14.13
C LYS A 426 -17.52 -13.20 15.50
N THR A 427 -18.68 -13.02 16.14
CA THR A 427 -18.74 -12.43 17.48
C THR A 427 -18.03 -13.31 18.52
N THR A 428 -18.16 -14.65 18.43
CA THR A 428 -17.51 -15.57 19.37
C THR A 428 -16.00 -15.51 19.13
N VAL A 429 -15.56 -15.52 17.85
CA VAL A 429 -14.14 -15.42 17.51
C VAL A 429 -13.54 -14.12 18.04
N ARG A 430 -14.28 -12.99 17.94
CA ARG A 430 -13.80 -11.72 18.48
C ARG A 430 -13.71 -11.80 20.01
N LYS A 431 -14.62 -12.54 20.68
CA LYS A 431 -14.56 -12.71 22.15
C LYS A 431 -13.30 -13.51 22.51
N LEU A 432 -12.97 -14.53 21.72
CA LEU A 432 -11.77 -15.35 21.93
C LEU A 432 -10.53 -14.48 21.80
N GLN A 433 -10.45 -13.63 20.74
CA GLN A 433 -9.30 -12.75 20.51
CA GLN A 433 -9.26 -12.79 20.57
C GLN A 433 -9.19 -11.70 21.60
N SER A 434 -10.34 -11.15 22.02
CA SER A 434 -10.41 -10.13 23.05
C SER A 434 -9.93 -10.73 24.37
N TYR A 435 -10.39 -11.95 24.71
CA TYR A 435 -9.96 -12.60 25.93
C TYR A 435 -8.47 -12.92 25.87
N LEU A 436 -7.98 -13.39 24.72
CA LEU A 436 -6.56 -13.72 24.58
C LEU A 436 -5.63 -12.50 24.74
N GLU A 437 -6.08 -11.30 24.36
CA GLU A 437 -5.27 -10.09 24.55
C GLU A 437 -5.17 -9.70 26.04
N THR A 438 -6.15 -10.11 26.83
CA THR A 438 -6.15 -9.84 28.28
C THR A 438 -5.36 -10.92 29.03
N SER A 439 -5.36 -12.17 28.54
CA SER A 439 -4.68 -13.32 29.20
C SER A 439 -3.19 -13.06 29.42
N GLY A 440 -2.61 -12.09 28.72
CA GLY A 440 -1.16 -11.89 28.79
C GLY A 440 -0.39 -12.87 27.91
N THR A 441 -1.08 -13.71 27.13
CA THR A 441 -0.41 -14.76 26.31
C THR A 441 -0.52 -14.42 24.82
N SER A 442 0.45 -14.81 23.99
CA SER A 442 0.43 -14.41 22.55
C SER A 442 0.73 -15.59 21.62
N PRO B 2 -9.52 -26.68 13.07
CA PRO B 2 -9.88 -27.67 14.08
C PRO B 2 -9.07 -27.57 15.38
N VAL B 3 -9.71 -27.12 16.46
CA VAL B 3 -9.09 -27.02 17.77
C VAL B 3 -9.46 -28.21 18.66
#